data_2L6T
#
_entry.id   2L6T
#
_cell.length_a   1.000
_cell.length_b   1.000
_cell.length_c   1.000
_cell.angle_alpha   90.00
_cell.angle_beta   90.00
_cell.angle_gamma   90.00
#
_symmetry.space_group_name_H-M   'P 1'
#
_entity_poly.entity_id   1
_entity_poly.type   'polypeptide(L)'
_entity_poly.pdbx_seq_one_letter_code
;LEAIPCSIPPEFLFGKPFVF
;
_entity_poly.pdbx_strand_id   A
#
# COMPACT_ATOMS: atom_id res chain seq x y z
N LEU A 1 -18.74 -0.04 9.23
CA LEU A 1 -17.59 -0.67 9.89
C LEU A 1 -16.31 0.09 9.57
N GLU A 2 -15.36 0.13 10.51
CA GLU A 2 -14.07 0.79 10.34
C GLU A 2 -13.28 0.19 9.15
N ALA A 3 -12.60 1.05 8.39
CA ALA A 3 -11.73 0.65 7.29
C ALA A 3 -10.45 -0.07 7.80
N ILE A 4 -10.11 -1.21 7.18
CA ILE A 4 -8.93 -2.02 7.54
C ILE A 4 -7.73 -1.62 6.64
N PRO A 5 -6.53 -1.37 7.19
CA PRO A 5 -5.37 -0.93 6.42
C PRO A 5 -4.80 -2.01 5.48
N CYS A 6 -3.82 -1.63 4.67
CA CYS A 6 -3.20 -2.46 3.63
C CYS A 6 -1.75 -2.81 4.01
N SER A 7 -1.57 -3.74 4.96
CA SER A 7 -0.26 -4.18 5.46
C SER A 7 0.42 -5.21 4.54
N ILE A 8 0.41 -4.96 3.23
CA ILE A 8 0.94 -5.87 2.21
C ILE A 8 2.46 -5.63 2.03
N PRO A 9 3.30 -6.69 2.05
CA PRO A 9 4.75 -6.56 1.87
C PRO A 9 5.12 -6.17 0.42
N PRO A 10 6.35 -5.70 0.15
CA PRO A 10 6.78 -5.21 -1.17
C PRO A 10 6.98 -6.34 -2.20
N GLU A 11 5.88 -6.90 -2.71
CA GLU A 11 5.84 -8.03 -3.66
C GLU A 11 4.78 -7.86 -4.76
N PHE A 12 3.61 -7.30 -4.46
CA PHE A 12 2.56 -6.98 -5.44
C PHE A 12 2.83 -5.62 -6.10
N LEU A 13 3.37 -4.68 -5.33
CA LEU A 13 3.79 -3.35 -5.75
C LEU A 13 5.30 -3.30 -6.05
N PHE A 14 5.78 -2.14 -6.52
CA PHE A 14 7.15 -1.91 -6.97
C PHE A 14 7.74 -0.59 -6.42
N GLY A 15 7.15 -0.06 -5.35
CA GLY A 15 7.56 1.20 -4.71
C GLY A 15 7.43 2.42 -5.62
N LYS A 16 6.47 2.40 -6.57
CA LYS A 16 6.19 3.51 -7.50
C LYS A 16 5.94 4.83 -6.74
N PRO A 17 6.31 5.98 -7.32
CA PRO A 17 6.22 7.28 -6.65
C PRO A 17 4.77 7.69 -6.40
N PHE A 18 4.36 7.76 -5.13
CA PHE A 18 3.10 8.35 -4.72
C PHE A 18 3.08 9.87 -4.91
N VAL A 19 1.94 10.52 -4.63
CA VAL A 19 1.79 11.97 -4.74
C VAL A 19 2.65 12.70 -3.69
N PHE A 20 3.55 13.57 -4.15
CA PHE A 20 4.45 14.42 -3.34
C PHE A 20 4.00 15.88 -3.40
N LEU A 1 -6.48 7.50 2.22
CA LEU A 1 -7.86 7.09 1.94
C LEU A 1 -8.22 5.83 2.73
N GLU A 2 -9.46 5.34 2.58
CA GLU A 2 -9.88 4.01 3.04
C GLU A 2 -8.97 2.89 2.51
N ALA A 3 -8.28 2.21 3.42
CA ALA A 3 -7.53 0.98 3.17
C ALA A 3 -7.46 0.13 4.45
N ILE A 4 -7.55 -1.18 4.30
CA ILE A 4 -7.59 -2.15 5.41
C ILE A 4 -6.16 -2.31 5.98
N PRO A 5 -5.98 -2.32 7.32
CA PRO A 5 -4.67 -2.45 7.95
C PRO A 5 -4.10 -3.87 7.76
N CYS A 6 -3.14 -4.00 6.84
CA CYS A 6 -2.54 -5.26 6.39
C CYS A 6 -1.02 -5.12 6.26
N SER A 7 -0.28 -5.94 7.02
CA SER A 7 1.19 -5.96 7.21
C SER A 7 2.01 -6.46 5.99
N ILE A 8 1.63 -6.08 4.78
CA ILE A 8 2.13 -6.66 3.52
C ILE A 8 3.44 -5.95 3.05
N PRO A 9 4.51 -6.70 2.72
CA PRO A 9 5.78 -6.16 2.23
C PRO A 9 5.73 -5.70 0.75
N PRO A 10 6.75 -4.99 0.24
CA PRO A 10 6.87 -4.56 -1.16
C PRO A 10 7.05 -5.76 -2.13
N GLU A 11 5.93 -6.41 -2.47
CA GLU A 11 5.90 -7.53 -3.43
C GLU A 11 4.58 -7.63 -4.22
N PHE A 12 3.44 -7.55 -3.51
CA PHE A 12 2.09 -7.56 -4.09
C PHE A 12 1.66 -6.18 -4.65
N LEU A 13 2.35 -5.11 -4.24
CA LEU A 13 2.18 -3.75 -4.75
C LEU A 13 2.97 -3.54 -6.06
N PHE A 14 2.92 -2.33 -6.62
CA PHE A 14 3.53 -1.98 -7.90
C PHE A 14 4.37 -0.67 -7.84
N GLY A 15 4.81 -0.28 -6.64
CA GLY A 15 5.51 0.98 -6.42
C GLY A 15 4.61 2.20 -6.67
N LYS A 16 3.35 2.13 -6.22
CA LYS A 16 2.35 3.21 -6.29
C LYS A 16 2.88 4.48 -5.58
N PRO A 17 2.38 5.69 -5.93
CA PRO A 17 2.71 6.91 -5.20
C PRO A 17 2.20 6.84 -3.74
N PHE A 18 2.83 7.63 -2.87
CA PHE A 18 2.32 7.89 -1.52
C PHE A 18 1.13 8.88 -1.53
N VAL A 19 0.24 8.77 -0.54
CA VAL A 19 -0.97 9.59 -0.40
C VAL A 19 -0.69 11.01 0.12
N PHE A 20 -1.64 11.92 -0.07
CA PHE A 20 -1.54 13.35 0.30
C PHE A 20 -2.81 13.87 1.00
N LEU A 1 -15.24 5.50 9.25
CA LEU A 1 -13.81 5.15 9.18
C LEU A 1 -13.67 3.68 8.81
N GLU A 2 -13.16 3.39 7.61
CA GLU A 2 -12.84 2.05 7.12
C GLU A 2 -11.55 2.12 6.28
N ALA A 3 -10.43 2.32 6.96
CA ALA A 3 -9.09 2.46 6.35
C ALA A 3 -8.06 1.58 7.08
N ILE A 4 -8.46 0.34 7.41
CA ILE A 4 -7.67 -0.65 8.16
C ILE A 4 -6.22 -0.73 7.62
N PRO A 5 -5.18 -0.60 8.47
CA PRO A 5 -3.79 -0.56 8.04
C PRO A 5 -3.31 -1.92 7.52
N CYS A 6 -3.52 -2.18 6.23
CA CYS A 6 -3.06 -3.39 5.56
C CYS A 6 -1.57 -3.27 5.15
N SER A 7 -0.81 -4.34 5.33
CA SER A 7 0.63 -4.45 5.01
C SER A 7 0.86 -5.40 3.83
N ILE A 8 0.58 -4.90 2.62
CA ILE A 8 0.75 -5.65 1.36
C ILE A 8 2.24 -5.97 1.11
N PRO A 9 2.59 -7.23 0.76
CA PRO A 9 3.97 -7.65 0.47
C PRO A 9 4.51 -7.09 -0.86
N PRO A 10 5.82 -7.20 -1.17
CA PRO A 10 6.43 -6.73 -2.42
C PRO A 10 6.01 -7.54 -3.67
N GLU A 11 4.79 -7.31 -4.14
CA GLU A 11 4.16 -7.99 -5.30
C GLU A 11 3.40 -7.03 -6.22
N PHE A 12 2.70 -6.03 -5.68
CA PHE A 12 1.88 -5.07 -6.44
C PHE A 12 2.65 -3.79 -6.78
N LEU A 13 3.54 -3.37 -5.87
CA LEU A 13 4.42 -2.21 -5.98
C LEU A 13 5.86 -2.56 -5.55
N PHE A 14 6.83 -1.74 -5.98
CA PHE A 14 8.27 -1.88 -5.70
C PHE A 14 8.81 -0.67 -4.91
N GLY A 15 8.34 -0.49 -3.67
CA GLY A 15 8.74 0.60 -2.76
C GLY A 15 8.49 2.03 -3.26
N LYS A 16 7.81 2.19 -4.40
CA LYS A 16 7.49 3.45 -5.08
C LYS A 16 6.50 4.32 -4.28
N PRO A 17 6.48 5.64 -4.51
CA PRO A 17 5.54 6.54 -3.88
C PRO A 17 4.10 6.29 -4.37
N PHE A 18 3.14 6.31 -3.45
CA PHE A 18 1.72 6.23 -3.75
C PHE A 18 1.16 7.63 -4.05
N VAL A 19 0.44 7.77 -5.16
CA VAL A 19 -0.23 9.02 -5.59
C VAL A 19 -1.63 9.17 -4.96
N PHE A 20 -2.18 10.39 -4.96
CA PHE A 20 -3.48 10.69 -4.36
C PHE A 20 -4.22 11.76 -5.18
N LEU A 1 -5.64 11.29 3.61
CA LEU A 1 -6.76 10.38 3.29
C LEU A 1 -6.68 9.09 4.10
N GLU A 2 -7.84 8.56 4.45
CA GLU A 2 -8.01 7.30 5.18
C GLU A 2 -7.40 6.09 4.43
N ALA A 3 -6.68 5.24 5.17
CA ALA A 3 -6.00 4.06 4.64
C ALA A 3 -6.25 2.84 5.55
N ILE A 4 -6.52 1.68 4.95
CA ILE A 4 -6.67 0.42 5.71
C ILE A 4 -5.27 -0.13 6.07
N PRO A 5 -5.05 -0.61 7.30
CA PRO A 5 -3.82 -1.33 7.64
C PRO A 5 -3.82 -2.71 6.96
N CYS A 6 -2.83 -2.96 6.11
CA CYS A 6 -2.61 -4.24 5.40
C CYS A 6 -1.19 -4.76 5.66
N SER A 7 -0.97 -6.07 5.52
CA SER A 7 0.27 -6.77 5.93
C SER A 7 0.98 -7.43 4.73
N ILE A 8 0.85 -6.82 3.54
CA ILE A 8 1.33 -7.35 2.27
C ILE A 8 2.86 -7.10 2.14
N PRO A 9 3.66 -8.10 1.71
CA PRO A 9 5.11 -7.94 1.49
C PRO A 9 5.44 -7.03 0.28
N PRO A 10 6.69 -6.57 0.12
CA PRO A 10 7.14 -5.74 -1.01
C PRO A 10 7.17 -6.51 -2.34
N GLU A 11 6.02 -6.59 -3.01
CA GLU A 11 5.84 -7.37 -4.24
C GLU A 11 4.79 -6.75 -5.17
N PHE A 12 3.56 -6.52 -4.67
CA PHE A 12 2.44 -5.93 -5.41
C PHE A 12 2.64 -4.42 -5.66
N LEU A 13 3.43 -3.75 -4.81
CA LEU A 13 3.84 -2.35 -4.92
C LEU A 13 5.36 -2.26 -5.20
N PHE A 14 5.78 -1.18 -5.87
CA PHE A 14 7.16 -0.94 -6.34
C PHE A 14 7.61 0.53 -6.23
N GLY A 15 6.89 1.33 -5.43
CA GLY A 15 7.13 2.77 -5.22
C GLY A 15 5.85 3.61 -5.25
N LYS A 16 4.80 3.15 -5.96
CA LYS A 16 3.46 3.76 -5.99
C LYS A 16 2.85 3.91 -4.59
N PRO A 17 1.98 4.91 -4.34
CA PRO A 17 1.34 5.13 -3.04
C PRO A 17 0.27 4.07 -2.72
N PHE A 18 -0.27 4.14 -1.50
CA PHE A 18 -1.32 3.25 -1.00
C PHE A 18 -2.62 3.99 -0.64
N VAL A 19 -2.74 5.26 -1.03
CA VAL A 19 -3.81 6.20 -0.64
C VAL A 19 -4.42 6.90 -1.84
N PHE A 20 -5.37 6.24 -2.50
CA PHE A 20 -6.07 6.69 -3.72
C PHE A 20 -7.59 6.49 -3.63
N LEU A 1 -17.16 3.73 10.71
CA LEU A 1 -16.06 3.51 9.74
C LEU A 1 -15.23 2.27 10.08
N GLU A 2 -14.83 1.51 9.07
CA GLU A 2 -13.86 0.40 9.14
C GLU A 2 -12.89 0.51 7.95
N ALA A 3 -11.62 0.80 8.22
CA ALA A 3 -10.57 0.96 7.22
C ALA A 3 -9.37 0.07 7.52
N ILE A 4 -9.15 -0.95 6.70
CA ILE A 4 -8.06 -1.93 6.88
C ILE A 4 -6.72 -1.30 6.45
N PRO A 5 -5.66 -1.33 7.27
CA PRO A 5 -4.35 -0.76 6.93
C PRO A 5 -3.61 -1.58 5.86
N CYS A 6 -2.75 -0.92 5.10
CA CYS A 6 -1.88 -1.57 4.12
C CYS A 6 -0.81 -2.45 4.80
N SER A 7 -0.94 -3.77 4.67
CA SER A 7 0.01 -4.78 5.21
C SER A 7 0.31 -5.90 4.19
N ILE A 8 0.28 -5.53 2.91
CA ILE A 8 0.64 -6.41 1.79
C ILE A 8 2.18 -6.49 1.69
N PRO A 9 2.77 -7.69 1.54
CA PRO A 9 4.22 -7.84 1.38
C PRO A 9 4.69 -7.29 0.03
N PRO A 10 5.99 -6.97 -0.16
CA PRO A 10 6.54 -6.44 -1.41
C PRO A 10 6.50 -7.49 -2.53
N GLU A 11 5.41 -7.50 -3.31
CA GLU A 11 5.16 -8.48 -4.38
C GLU A 11 4.20 -7.92 -5.43
N PHE A 12 3.07 -7.35 -5.00
CA PHE A 12 2.11 -6.65 -5.86
C PHE A 12 2.58 -5.25 -6.27
N LEU A 13 3.41 -4.62 -5.43
CA LEU A 13 3.92 -3.26 -5.59
C LEU A 13 5.46 -3.21 -5.60
N PHE A 14 6.01 -2.07 -6.04
CA PHE A 14 7.45 -1.86 -6.29
C PHE A 14 7.99 -0.57 -5.63
N GLY A 15 7.45 -0.17 -4.48
CA GLY A 15 7.90 1.03 -3.74
C GLY A 15 7.72 2.35 -4.51
N LYS A 16 6.64 2.44 -5.30
CA LYS A 16 6.30 3.59 -6.17
C LYS A 16 6.18 4.91 -5.40
N PRO A 17 6.43 6.06 -6.07
CA PRO A 17 6.34 7.38 -5.45
C PRO A 17 4.89 7.71 -5.08
N PHE A 18 4.70 8.24 -3.87
CA PHE A 18 3.40 8.70 -3.38
C PHE A 18 2.85 9.86 -4.22
N VAL A 19 1.87 9.55 -5.07
CA VAL A 19 1.11 10.57 -5.81
C VAL A 19 0.40 11.52 -4.84
N PHE A 20 0.40 12.82 -5.14
CA PHE A 20 -0.27 13.84 -4.32
C PHE A 20 -1.76 13.90 -4.66
N LEU A 1 -14.26 4.04 15.47
CA LEU A 1 -13.47 4.07 14.21
C LEU A 1 -12.95 2.67 13.89
N GLU A 2 -13.82 1.75 13.47
CA GLU A 2 -13.45 0.38 13.07
C GLU A 2 -13.12 0.32 11.57
N ALA A 3 -11.96 -0.24 11.20
CA ALA A 3 -11.58 -0.53 9.82
C ALA A 3 -10.54 -1.68 9.75
N ILE A 4 -10.50 -2.42 8.64
CA ILE A 4 -9.57 -3.54 8.44
C ILE A 4 -8.14 -2.99 8.17
N PRO A 5 -7.07 -3.52 8.79
CA PRO A 5 -5.70 -3.06 8.56
C PRO A 5 -5.17 -3.41 7.16
N CYS A 6 -4.01 -2.88 6.79
CA CYS A 6 -3.30 -3.24 5.55
C CYS A 6 -2.82 -4.70 5.60
N SER A 7 -3.17 -5.51 4.60
CA SER A 7 -2.91 -6.96 4.52
C SER A 7 -2.37 -7.36 3.14
N ILE A 8 -1.73 -6.42 2.44
CA ILE A 8 -1.16 -6.57 1.09
C ILE A 8 0.35 -6.90 1.19
N PRO A 9 0.89 -7.89 0.45
CA PRO A 9 2.33 -8.21 0.42
C PRO A 9 3.16 -7.12 -0.29
N PRO A 10 4.50 -7.10 -0.17
CA PRO A 10 5.39 -6.07 -0.73
C PRO A 10 5.57 -6.17 -2.26
N GLU A 11 4.48 -5.94 -2.99
CA GLU A 11 4.39 -5.99 -4.46
C GLU A 11 3.60 -4.81 -5.05
N PHE A 12 3.44 -3.72 -4.30
CA PHE A 12 2.69 -2.52 -4.70
C PHE A 12 3.57 -1.27 -4.90
N LEU A 13 4.76 -1.20 -4.29
CA LEU A 13 5.72 -0.10 -4.46
C LEU A 13 7.18 -0.59 -4.31
N PHE A 14 7.98 -0.46 -5.37
CA PHE A 14 9.39 -0.88 -5.41
C PHE A 14 10.35 0.31 -5.33
N GLY A 15 9.98 1.35 -4.57
CA GLY A 15 10.75 2.59 -4.42
C GLY A 15 10.47 3.65 -5.49
N LYS A 16 9.37 3.50 -6.24
CA LYS A 16 9.02 4.38 -7.38
C LYS A 16 8.23 5.62 -6.94
N PRO A 17 8.23 6.70 -7.76
CA PRO A 17 7.51 7.93 -7.48
C PRO A 17 5.98 7.73 -7.58
N PHE A 18 5.22 8.70 -7.07
CA PHE A 18 3.76 8.67 -7.11
C PHE A 18 3.21 8.80 -8.54
N VAL A 19 1.94 8.42 -8.73
CA VAL A 19 1.28 8.34 -10.05
C VAL A 19 -0.03 9.16 -10.07
N PHE A 20 0.04 10.38 -9.53
CA PHE A 20 -1.07 11.34 -9.49
C PHE A 20 -1.61 11.66 -10.88
N LEU A 1 -17.27 3.79 13.46
CA LEU A 1 -16.93 3.67 12.03
C LEU A 1 -16.17 2.38 11.75
N GLU A 2 -16.34 1.81 10.55
CA GLU A 2 -15.67 0.58 10.08
C GLU A 2 -14.17 0.80 9.73
N ALA A 3 -13.36 1.12 10.74
CA ALA A 3 -11.90 1.26 10.63
C ALA A 3 -11.21 -0.11 10.45
N ILE A 4 -10.99 -0.54 9.20
CA ILE A 4 -10.30 -1.80 8.86
C ILE A 4 -8.79 -1.51 8.67
N PRO A 5 -7.85 -2.34 9.17
CA PRO A 5 -6.41 -2.19 8.91
C PRO A 5 -6.03 -2.55 7.47
N CYS A 6 -4.86 -2.11 7.00
CA CYS A 6 -4.36 -2.42 5.65
C CYS A 6 -2.84 -2.56 5.62
N SER A 7 -2.32 -3.68 5.11
CA SER A 7 -0.89 -3.88 4.86
C SER A 7 -0.62 -4.73 3.62
N ILE A 8 0.33 -4.32 2.77
CA ILE A 8 0.64 -4.96 1.49
C ILE A 8 2.17 -5.14 1.37
N PRO A 9 2.68 -6.35 1.06
CA PRO A 9 4.12 -6.64 0.96
C PRO A 9 4.79 -5.99 -0.28
N PRO A 10 6.14 -5.94 -0.34
CA PRO A 10 6.92 -5.37 -1.44
C PRO A 10 6.82 -6.16 -2.76
N GLU A 11 5.72 -5.96 -3.47
CA GLU A 11 5.40 -6.65 -4.75
C GLU A 11 4.64 -5.73 -5.73
N PHE A 12 3.57 -5.08 -5.25
CA PHE A 12 2.74 -4.16 -6.06
C PHE A 12 3.35 -2.76 -6.17
N LEU A 13 4.00 -2.27 -5.11
CA LEU A 13 4.74 -1.01 -5.11
C LEU A 13 6.01 -1.15 -5.97
N PHE A 14 6.37 -0.11 -6.72
CA PHE A 14 7.57 -0.06 -7.58
C PHE A 14 8.67 0.88 -7.05
N GLY A 15 8.56 1.36 -5.81
CA GLY A 15 9.50 2.32 -5.21
C GLY A 15 9.41 3.74 -5.79
N LYS A 16 8.36 4.03 -6.59
CA LYS A 16 8.02 5.34 -7.14
C LYS A 16 7.43 6.30 -6.07
N PRO A 17 7.55 7.63 -6.23
CA PRO A 17 7.03 8.63 -5.29
C PRO A 17 5.49 8.74 -5.36
N PHE A 18 4.79 7.93 -4.55
CA PHE A 18 3.32 7.87 -4.47
C PHE A 18 2.62 7.52 -5.81
N VAL A 19 3.33 6.91 -6.76
CA VAL A 19 2.92 6.63 -8.16
C VAL A 19 3.42 5.27 -8.68
N PHE A 20 3.26 4.22 -7.88
CA PHE A 20 3.54 2.82 -8.26
C PHE A 20 2.97 2.39 -9.63
N LEU A 1 -17.51 -3.26 7.88
CA LEU A 1 -16.50 -2.17 7.78
C LEU A 1 -15.39 -2.61 6.84
N GLU A 2 -15.06 -1.78 5.86
CA GLU A 2 -14.00 -2.03 4.86
C GLU A 2 -12.75 -1.16 5.12
N ALA A 3 -12.46 -0.87 6.39
CA ALA A 3 -11.30 -0.11 6.84
C ALA A 3 -9.99 -0.91 6.70
N ILE A 4 -9.38 -0.87 5.52
CA ILE A 4 -8.09 -1.51 5.22
C ILE A 4 -6.93 -0.70 5.84
N PRO A 5 -5.97 -1.35 6.52
CA PRO A 5 -4.78 -0.70 7.09
C PRO A 5 -3.78 -0.22 6.01
N CYS A 6 -2.61 0.25 6.46
CA CYS A 6 -1.52 0.74 5.62
C CYS A 6 -0.22 -0.07 5.77
N SER A 7 -0.23 -1.16 6.55
CA SER A 7 0.88 -2.10 6.78
C SER A 7 1.07 -3.13 5.65
N ILE A 8 0.72 -2.76 4.41
CA ILE A 8 0.79 -3.65 3.24
C ILE A 8 2.25 -3.77 2.74
N PRO A 9 2.78 -4.99 2.50
CA PRO A 9 4.17 -5.23 2.11
C PRO A 9 4.44 -4.83 0.65
N PRO A 10 5.73 -4.75 0.23
CA PRO A 10 6.13 -4.43 -1.16
C PRO A 10 5.80 -5.57 -2.14
N GLU A 11 4.50 -5.68 -2.48
CA GLU A 11 3.93 -6.62 -3.44
C GLU A 11 2.77 -6.01 -4.26
N PHE A 12 1.91 -5.24 -3.59
CA PHE A 12 0.69 -4.66 -4.20
C PHE A 12 0.95 -3.49 -5.16
N LEU A 13 2.02 -2.73 -4.92
CA LEU A 13 2.54 -1.65 -5.76
C LEU A 13 3.08 -2.17 -7.11
N PHE A 14 3.32 -1.25 -8.05
CA PHE A 14 3.88 -1.52 -9.38
C PHE A 14 5.26 -0.86 -9.56
N GLY A 15 6.05 -0.82 -8.47
CA GLY A 15 7.42 -0.28 -8.44
C GLY A 15 7.54 1.24 -8.34
N LYS A 16 6.42 1.98 -8.34
CA LYS A 16 6.38 3.45 -8.16
C LYS A 16 6.79 3.86 -6.73
N PRO A 17 7.19 5.12 -6.48
CA PRO A 17 7.52 5.63 -5.15
C PRO A 17 6.30 5.73 -4.22
N PHE A 18 6.57 5.79 -2.90
CA PHE A 18 5.57 6.01 -1.87
C PHE A 18 5.23 7.50 -1.76
N VAL A 19 4.21 7.94 -2.52
CA VAL A 19 3.72 9.34 -2.47
C VAL A 19 3.10 9.70 -1.11
N PHE A 20 3.03 10.99 -0.82
CA PHE A 20 2.60 11.53 0.48
C PHE A 20 1.34 12.38 0.35
N LEU A 1 -10.76 3.70 -4.09
CA LEU A 1 -10.90 2.77 -2.93
C LEU A 1 -9.97 3.23 -1.81
N GLU A 2 -10.23 2.81 -0.57
CA GLU A 2 -9.47 3.23 0.63
C GLU A 2 -8.84 2.04 1.37
N ALA A 3 -7.70 1.58 0.86
CA ALA A 3 -6.97 0.40 1.34
C ALA A 3 -6.49 0.54 2.79
N ILE A 4 -6.69 -0.51 3.59
CA ILE A 4 -6.34 -0.53 5.02
C ILE A 4 -4.81 -0.49 5.18
N PRO A 5 -4.24 0.43 5.99
CA PRO A 5 -2.81 0.47 6.27
C PRO A 5 -2.38 -0.76 7.09
N CYS A 6 -1.55 -1.60 6.47
CA CYS A 6 -0.94 -2.79 7.07
C CYS A 6 0.52 -2.93 6.60
N SER A 7 1.36 -3.64 7.36
CA SER A 7 2.81 -3.78 7.11
C SER A 7 3.10 -4.89 6.09
N ILE A 8 2.54 -4.73 4.89
CA ILE A 8 2.64 -5.67 3.77
C ILE A 8 3.86 -5.30 2.90
N PRO A 9 4.77 -6.24 2.61
CA PRO A 9 5.96 -6.00 1.78
C PRO A 9 5.61 -5.77 0.29
N PRO A 10 6.53 -5.25 -0.54
CA PRO A 10 6.27 -4.97 -1.97
C PRO A 10 6.09 -6.25 -2.79
N GLU A 11 4.82 -6.65 -2.99
CA GLU A 11 4.43 -7.88 -3.69
C GLU A 11 2.95 -7.86 -4.14
N PHE A 12 2.04 -7.38 -3.29
CA PHE A 12 0.59 -7.26 -3.56
C PHE A 12 0.23 -5.97 -4.31
N LEU A 13 1.13 -4.97 -4.29
CA LEU A 13 1.01 -3.64 -4.89
C LEU A 13 2.21 -3.35 -5.82
N PHE A 14 2.24 -2.17 -6.45
CA PHE A 14 3.26 -1.78 -7.44
C PHE A 14 3.77 -0.34 -7.22
N GLY A 15 4.22 -0.07 -5.99
CA GLY A 15 4.72 1.23 -5.56
C GLY A 15 3.63 2.30 -5.55
N LYS A 16 2.43 1.99 -5.05
CA LYS A 16 1.28 2.91 -5.03
C LYS A 16 1.56 4.19 -4.22
N PRO A 17 0.90 5.32 -4.51
CA PRO A 17 1.12 6.59 -3.82
C PRO A 17 0.61 6.54 -2.38
N PHE A 18 1.50 6.32 -1.42
CA PHE A 18 1.17 6.35 0.01
C PHE A 18 1.06 7.80 0.50
N VAL A 19 -0.04 8.15 1.16
CA VAL A 19 -0.26 9.50 1.72
C VAL A 19 0.52 9.69 3.03
N PHE A 20 1.52 10.58 3.03
CA PHE A 20 2.42 10.82 4.18
C PHE A 20 2.71 12.31 4.41
N LEU A 1 -14.65 5.90 10.56
CA LEU A 1 -13.28 5.81 9.99
C LEU A 1 -13.19 4.65 9.02
N GLU A 2 -12.11 4.55 8.25
CA GLU A 2 -11.88 3.55 7.19
C GLU A 2 -10.46 2.94 7.24
N ALA A 3 -9.85 2.93 8.44
CA ALA A 3 -8.49 2.49 8.74
C ALA A 3 -8.33 0.95 8.80
N ILE A 4 -8.88 0.22 7.83
CA ILE A 4 -8.88 -1.25 7.78
C ILE A 4 -7.44 -1.80 7.87
N PRO A 5 -7.13 -2.73 8.81
CA PRO A 5 -5.79 -3.31 8.94
C PRO A 5 -5.46 -4.23 7.75
N CYS A 6 -4.21 -4.19 7.28
CA CYS A 6 -3.73 -5.00 6.16
C CYS A 6 -2.23 -5.32 6.28
N SER A 7 -1.79 -6.34 5.55
CA SER A 7 -0.41 -6.85 5.57
C SER A 7 0.00 -7.29 4.16
N ILE A 8 0.03 -6.36 3.20
CA ILE A 8 0.42 -6.66 1.82
C ILE A 8 1.96 -6.82 1.77
N PRO A 9 2.48 -7.93 1.18
CA PRO A 9 3.93 -8.17 1.07
C PRO A 9 4.62 -7.12 0.18
N PRO A 10 5.96 -7.05 0.17
CA PRO A 10 6.72 -6.12 -0.66
C PRO A 10 6.69 -6.49 -2.17
N GLU A 11 5.52 -6.45 -2.81
CA GLU A 11 5.33 -6.73 -4.24
C GLU A 11 4.48 -5.64 -4.91
N PHE A 12 3.30 -5.29 -4.37
CA PHE A 12 2.43 -4.23 -4.89
C PHE A 12 3.08 -2.82 -4.97
N LEU A 13 4.12 -2.60 -4.16
CA LEU A 13 4.86 -1.35 -4.02
C LEU A 13 6.21 -1.50 -4.72
N PHE A 14 6.35 -0.85 -5.88
CA PHE A 14 7.54 -0.92 -6.74
C PHE A 14 8.59 0.17 -6.38
N GLY A 15 8.40 0.90 -5.28
CA GLY A 15 9.27 2.03 -4.91
C GLY A 15 9.21 3.18 -5.93
N LYS A 16 8.07 3.35 -6.60
CA LYS A 16 7.82 4.38 -7.64
C LYS A 16 6.68 5.31 -7.19
N PRO A 17 6.63 6.57 -7.68
CA PRO A 17 5.56 7.50 -7.37
C PRO A 17 4.22 7.01 -7.92
N PHE A 18 3.20 7.07 -7.07
CA PHE A 18 1.85 6.55 -7.29
C PHE A 18 0.83 7.53 -6.68
N VAL A 19 -0.45 7.44 -7.05
CA VAL A 19 -1.50 8.35 -6.54
C VAL A 19 -1.53 8.39 -4.99
N PHE A 20 -1.77 9.58 -4.43
CA PHE A 20 -1.78 9.91 -2.99
C PHE A 20 -0.38 9.86 -2.34
N LEU A 1 -15.11 1.32 5.98
CA LEU A 1 -14.01 0.85 6.86
C LEU A 1 -13.30 2.05 7.50
N GLU A 2 -12.70 1.86 8.68
CA GLU A 2 -12.03 2.92 9.46
C GLU A 2 -10.52 2.68 9.65
N ALA A 3 -9.97 1.62 9.05
CA ALA A 3 -8.54 1.30 9.04
C ALA A 3 -8.11 0.61 7.73
N ILE A 4 -7.28 1.28 6.93
CA ILE A 4 -6.81 0.80 5.62
C ILE A 4 -5.88 -0.43 5.80
N PRO A 5 -6.06 -1.51 5.00
CA PRO A 5 -5.19 -2.67 5.07
C PRO A 5 -3.78 -2.34 4.56
N CYS A 6 -2.77 -2.57 5.40
CA CYS A 6 -1.35 -2.28 5.10
C CYS A 6 -0.44 -3.49 5.38
N SER A 7 -1.04 -4.65 5.70
CA SER A 7 -0.37 -5.92 5.97
C SER A 7 -0.22 -6.75 4.67
N ILE A 8 0.31 -6.11 3.63
CA ILE A 8 0.49 -6.67 2.27
C ILE A 8 2.00 -6.81 1.99
N PRO A 9 2.49 -7.98 1.51
CA PRO A 9 3.90 -8.20 1.21
C PRO A 9 4.39 -7.39 -0.02
N PRO A 10 5.72 -7.24 -0.21
CA PRO A 10 6.31 -6.52 -1.34
C PRO A 10 6.14 -7.26 -2.69
N GLU A 11 4.92 -7.24 -3.22
CA GLU A 11 4.53 -7.77 -4.55
C GLU A 11 3.59 -6.82 -5.31
N PHE A 12 2.49 -6.40 -4.67
CA PHE A 12 1.46 -5.53 -5.26
C PHE A 12 1.96 -4.16 -5.76
N LEU A 13 3.03 -3.66 -5.14
CA LEU A 13 3.73 -2.40 -5.43
C LEU A 13 5.18 -2.52 -4.95
N PHE A 14 6.04 -1.60 -5.40
CA PHE A 14 7.48 -1.55 -5.10
C PHE A 14 7.90 -0.26 -4.38
N GLY A 15 7.02 0.34 -3.58
CA GLY A 15 7.28 1.64 -2.92
C GLY A 15 7.32 2.83 -3.89
N LYS A 16 6.61 2.72 -5.03
CA LYS A 16 6.52 3.76 -6.06
C LYS A 16 6.00 5.10 -5.49
N PRO A 17 6.41 6.24 -6.07
CA PRO A 17 5.93 7.56 -5.65
C PRO A 17 4.41 7.65 -5.86
N PHE A 18 3.69 8.07 -4.81
CA PHE A 18 2.24 8.02 -4.75
C PHE A 18 1.66 9.44 -4.62
N VAL A 19 1.10 9.94 -5.72
CA VAL A 19 0.76 11.36 -5.93
C VAL A 19 -0.64 11.72 -5.40
N PHE A 20 -1.00 11.19 -4.23
CA PHE A 20 -2.32 11.31 -3.61
C PHE A 20 -2.28 12.25 -2.40
N LEU A 1 -15.98 5.16 11.36
CA LEU A 1 -15.43 4.65 10.08
C LEU A 1 -14.16 3.86 10.33
N GLU A 2 -14.30 2.59 10.70
CA GLU A 2 -13.18 1.67 10.91
C GLU A 2 -12.56 1.21 9.57
N ALA A 3 -11.67 2.04 9.04
CA ALA A 3 -10.87 1.72 7.86
C ALA A 3 -9.84 0.62 8.17
N ILE A 4 -9.71 -0.37 7.29
CA ILE A 4 -8.75 -1.47 7.47
C ILE A 4 -7.32 -0.99 7.12
N PRO A 5 -6.34 -1.18 8.03
CA PRO A 5 -4.95 -0.78 7.80
C PRO A 5 -4.29 -1.64 6.71
N CYS A 6 -3.08 -1.25 6.32
CA CYS A 6 -2.28 -2.03 5.38
C CYS A 6 -1.74 -3.32 6.04
N SER A 7 -1.98 -4.46 5.42
CA SER A 7 -1.39 -5.76 5.80
C SER A 7 -0.79 -6.53 4.62
N ILE A 8 -0.65 -5.86 3.48
CA ILE A 8 -0.05 -6.38 2.25
C ILE A 8 1.48 -6.12 2.27
N PRO A 9 2.33 -7.12 1.98
CA PRO A 9 3.78 -6.96 1.86
C PRO A 9 4.20 -6.08 0.67
N PRO A 10 5.49 -5.71 0.52
CA PRO A 10 6.01 -4.90 -0.59
C PRO A 10 6.04 -5.66 -1.94
N GLU A 11 4.88 -6.06 -2.47
CA GLU A 11 4.73 -6.83 -3.73
C GLU A 11 3.73 -6.20 -4.73
N PHE A 12 3.34 -4.94 -4.55
CA PHE A 12 2.42 -4.20 -5.42
C PHE A 12 3.04 -2.90 -5.97
N LEU A 13 4.34 -2.72 -5.77
CA LEU A 13 5.16 -1.61 -6.26
C LEU A 13 5.92 -1.98 -7.54
N PHE A 14 6.56 -0.98 -8.17
CA PHE A 14 7.36 -1.13 -9.41
C PHE A 14 8.76 -0.49 -9.29
N GLY A 15 9.17 -0.14 -8.07
CA GLY A 15 10.47 0.42 -7.71
C GLY A 15 10.36 1.87 -7.21
N LYS A 16 9.59 2.69 -7.94
CA LYS A 16 9.23 4.06 -7.58
C LYS A 16 8.14 4.14 -6.49
N PRO A 17 7.96 5.28 -5.80
CA PRO A 17 6.87 5.49 -4.83
C PRO A 17 5.48 5.55 -5.49
N PHE A 18 4.42 5.72 -4.71
CA PHE A 18 3.03 5.84 -5.19
C PHE A 18 2.37 7.15 -4.72
N VAL A 19 1.26 7.51 -5.36
CA VAL A 19 0.60 8.82 -5.23
C VAL A 19 -0.88 8.65 -4.92
N PHE A 20 -1.36 9.35 -3.89
CA PHE A 20 -2.76 9.36 -3.47
C PHE A 20 -3.48 10.61 -3.94
N LEU A 1 -13.14 7.51 10.07
CA LEU A 1 -11.82 7.01 9.66
C LEU A 1 -11.91 5.54 9.26
N GLU A 2 -12.24 5.25 8.00
CA GLU A 2 -12.28 3.89 7.42
C GLU A 2 -10.89 3.42 6.95
N ALA A 3 -9.85 3.60 7.79
CA ALA A 3 -8.47 3.18 7.52
C ALA A 3 -8.28 1.65 7.73
N ILE A 4 -8.82 0.85 6.80
CA ILE A 4 -8.80 -0.62 6.85
C ILE A 4 -7.36 -1.15 7.11
N PRO A 5 -7.16 -2.05 8.10
CA PRO A 5 -5.86 -2.64 8.38
C PRO A 5 -5.40 -3.57 7.25
N CYS A 6 -4.11 -3.56 6.98
CA CYS A 6 -3.44 -4.45 6.04
C CYS A 6 -2.00 -4.74 6.50
N SER A 7 -1.43 -5.81 5.95
CA SER A 7 -0.06 -6.28 6.28
C SER A 7 0.68 -6.85 5.05
N ILE A 8 0.27 -6.39 3.86
CA ILE A 8 0.75 -6.86 2.56
C ILE A 8 2.29 -6.71 2.49
N PRO A 9 3.04 -7.76 2.10
CA PRO A 9 4.50 -7.69 1.98
C PRO A 9 4.93 -6.72 0.86
N PRO A 10 6.19 -6.27 0.84
CA PRO A 10 6.72 -5.37 -0.19
C PRO A 10 6.83 -6.05 -1.57
N GLU A 11 5.69 -6.26 -2.22
CA GLU A 11 5.52 -6.90 -3.55
C GLU A 11 4.43 -6.22 -4.41
N PHE A 12 3.92 -5.05 -4.00
CA PHE A 12 2.82 -4.31 -4.66
C PHE A 12 3.30 -3.10 -5.47
N LEU A 13 4.36 -2.43 -5.02
CA LEU A 13 4.97 -1.28 -5.69
C LEU A 13 5.90 -1.74 -6.83
N PHE A 14 6.09 -0.89 -7.83
CA PHE A 14 6.84 -1.21 -9.06
C PHE A 14 7.96 -0.20 -9.36
N GLY A 15 8.33 0.63 -8.38
CA GLY A 15 9.43 1.61 -8.48
C GLY A 15 9.02 3.06 -8.19
N LYS A 16 7.71 3.29 -7.95
CA LYS A 16 7.05 4.59 -7.75
C LYS A 16 6.29 4.62 -6.41
N PRO A 17 5.97 5.80 -5.85
CA PRO A 17 5.10 5.91 -4.68
C PRO A 17 3.65 5.49 -4.97
N PHE A 18 2.90 5.17 -3.91
CA PHE A 18 1.47 4.91 -3.94
C PHE A 18 0.67 6.16 -4.38
N VAL A 19 -0.47 5.96 -5.04
CA VAL A 19 -1.32 7.06 -5.56
C VAL A 19 -2.33 7.52 -4.49
N PHE A 20 -2.25 8.80 -4.11
CA PHE A 20 -3.13 9.46 -3.14
C PHE A 20 -4.45 9.91 -3.75
N LEU A 1 -12.65 0.91 -1.14
CA LEU A 1 -12.46 0.89 0.33
C LEU A 1 -10.96 0.76 0.64
N GLU A 2 -10.24 1.88 0.66
CA GLU A 2 -8.79 1.96 0.91
C GLU A 2 -8.41 1.80 2.40
N ALA A 3 -8.80 0.68 3.01
CA ALA A 3 -8.53 0.35 4.41
C ALA A 3 -8.27 -1.15 4.60
N ILE A 4 -7.18 -1.48 5.29
CA ILE A 4 -6.65 -2.83 5.50
C ILE A 4 -6.10 -2.97 6.92
N PRO A 5 -6.08 -4.17 7.52
CA PRO A 5 -5.57 -4.37 8.88
C PRO A 5 -4.05 -4.18 8.95
N CYS A 6 -3.32 -4.54 7.88
CA CYS A 6 -1.87 -4.46 7.78
C CYS A 6 -1.33 -3.04 7.54
N SER A 7 0.00 -2.88 7.66
CA SER A 7 0.69 -1.60 7.60
C SER A 7 1.39 -1.34 6.25
N ILE A 8 0.72 -1.70 5.13
CA ILE A 8 1.27 -1.66 3.77
C ILE A 8 2.57 -2.52 3.63
N PRO A 9 2.47 -3.85 3.77
CA PRO A 9 3.61 -4.78 3.67
C PRO A 9 4.21 -4.83 2.25
N PRO A 10 5.48 -5.28 2.07
CA PRO A 10 6.30 -5.21 0.84
C PRO A 10 5.84 -6.14 -0.30
N GLU A 11 4.60 -5.98 -0.74
CA GLU A 11 3.85 -6.90 -1.60
C GLU A 11 3.01 -6.15 -2.66
N PHE A 12 3.44 -4.94 -3.01
CA PHE A 12 2.81 -4.06 -4.00
C PHE A 12 3.79 -3.74 -5.13
N LEU A 13 3.30 -3.71 -6.38
CA LEU A 13 4.09 -3.50 -7.59
C LEU A 13 4.43 -2.02 -7.77
N PHE A 14 3.41 -1.23 -8.12
CA PHE A 14 3.47 0.20 -8.41
C PHE A 14 2.04 0.74 -8.63
N GLY A 15 1.90 2.06 -8.57
CA GLY A 15 0.65 2.79 -8.80
C GLY A 15 0.46 3.86 -7.72
N LYS A 16 0.12 5.09 -8.16
CA LYS A 16 -0.01 6.31 -7.34
C LYS A 16 0.94 6.34 -6.12
N PRO A 17 2.27 6.48 -6.33
CA PRO A 17 3.27 6.39 -5.27
C PRO A 17 3.20 7.59 -4.32
N PHE A 18 2.38 7.47 -3.27
CA PHE A 18 2.12 8.50 -2.25
C PHE A 18 2.50 8.04 -0.83
N VAL A 19 3.43 7.07 -0.78
CA VAL A 19 4.04 6.46 0.41
C VAL A 19 5.55 6.33 0.19
N PHE A 20 6.27 5.77 1.17
CA PHE A 20 7.72 5.53 1.16
C PHE A 20 8.31 5.05 -0.18
#